data_9CZ3
#
_entry.id   9CZ3
#
_cell.length_a   1.00
_cell.length_b   1.00
_cell.length_c   1.00
_cell.angle_alpha   90.00
_cell.angle_beta   90.00
_cell.angle_gamma   90.00
#
_symmetry.space_group_name_H-M   'P 1'
#
_entity_poly.entity_id   1
_entity_poly.type   'polypeptide(L)'
_entity_poly.pdbx_seq_one_letter_code
;(ACE)KIIILK(NH2)
;
_entity_poly.pdbx_strand_id   A,B,C,D,E,F,G,H,I,J,K,L,M,N,O,P,Q,R,S,T,U,V,W,X,Y,Z,a,b,c,d,e,f,g,h,i,j,k,l,m,n,o,p,q,r,s
#
# COMPACT_ATOMS: atom_id res chain seq x y z
N LYS A 2 -14.28 22.72 14.09
CA LYS A 2 -12.97 22.35 14.68
C LYS A 2 -11.96 22.02 13.58
N ILE A 3 -12.35 21.22 12.60
CA ILE A 3 -11.63 21.05 11.33
C ILE A 3 -12.40 21.82 10.25
N ILE A 4 -11.71 22.67 9.49
CA ILE A 4 -12.22 23.31 8.28
C ILE A 4 -11.08 23.34 7.27
N ILE A 5 -11.21 22.63 6.15
CA ILE A 5 -10.17 22.57 5.11
C ILE A 5 -10.79 22.72 3.73
N LEU A 6 -10.17 23.57 2.91
CA LEU A 6 -10.63 23.98 1.59
C LEU A 6 -9.54 23.70 0.54
N LYS A 7 -9.90 23.14 -0.61
CA LYS A 7 -8.98 23.01 -1.77
C LYS A 7 -9.69 23.42 -3.07
N LYS B 2 -0.53 17.81 -11.98
CA LYS B 2 -1.60 18.22 -11.03
C LYS B 2 -1.83 19.73 -11.07
N ILE B 3 -3.08 20.17 -10.95
CA ILE B 3 -3.41 21.57 -10.71
C ILE B 3 -4.58 21.67 -9.74
N ILE B 4 -4.59 22.67 -8.88
CA ILE B 4 -5.69 22.90 -7.92
C ILE B 4 -6.07 24.36 -8.01
N ILE B 5 -7.36 24.64 -8.07
CA ILE B 5 -7.89 26.00 -8.28
C ILE B 5 -8.98 26.29 -7.25
N LEU B 6 -8.97 27.52 -6.75
CA LEU B 6 -10.00 28.03 -5.86
C LEU B 6 -10.09 29.52 -6.13
N LYS B 7 -11.25 30.02 -6.58
CA LYS B 7 -11.41 31.48 -6.75
C LYS B 7 -12.85 31.96 -6.66
N LYS C 2 -16.66 34.44 -5.19
CA LYS C 2 -15.71 34.57 -3.97
C LYS C 2 -16.18 33.77 -2.74
N ILE C 3 -15.27 33.58 -1.79
CA ILE C 3 -15.47 32.75 -0.59
C ILE C 3 -15.56 33.63 0.64
N ILE C 4 -16.53 33.40 1.52
CA ILE C 4 -16.54 33.95 2.88
C ILE C 4 -16.69 32.80 3.87
N ILE C 5 -15.77 32.67 4.82
CA ILE C 5 -15.94 31.75 5.96
C ILE C 5 -15.81 32.54 7.24
N LEU C 6 -16.69 32.27 8.20
CA LEU C 6 -16.83 33.07 9.40
C LEU C 6 -17.30 32.20 10.58
N LYS C 7 -16.94 32.57 11.81
CA LYS C 7 -17.36 31.79 13.02
C LYS C 7 -17.52 32.74 14.22
N LYS D 2 -18.07 19.17 14.36
CA LYS D 2 -16.65 18.84 14.64
C LYS D 2 -15.85 18.95 13.35
N ILE D 3 -16.27 18.25 12.32
CA ILE D 3 -15.58 18.17 11.03
C ILE D 3 -16.36 18.96 9.98
N ILE D 4 -15.68 19.87 9.29
CA ILE D 4 -16.15 20.48 8.04
C ILE D 4 -15.05 20.29 6.98
N ILE D 5 -15.36 19.73 5.82
CA ILE D 5 -14.38 19.59 4.72
C ILE D 5 -15.04 20.06 3.43
N LEU D 6 -14.37 20.93 2.69
CA LEU D 6 -14.82 21.46 1.40
C LEU D 6 -13.78 21.13 0.33
N LYS D 7 -14.16 20.48 -0.77
CA LYS D 7 -13.27 20.34 -1.94
C LYS D 7 -13.95 20.83 -3.21
N LYS E 2 -4.69 15.39 -12.18
CA LYS E 2 -5.81 15.71 -11.26
C LYS E 2 -6.13 17.20 -11.20
N ILE E 3 -7.41 17.51 -11.07
CA ILE E 3 -7.94 18.88 -10.96
C ILE E 3 -8.94 18.90 -9.80
N ILE E 4 -8.92 19.92 -8.97
CA ILE E 4 -10.08 20.23 -8.11
C ILE E 4 -10.33 21.73 -8.19
N ILE E 5 -11.60 22.10 -8.27
CA ILE E 5 -12.04 23.49 -8.42
C ILE E 5 -13.15 23.78 -7.40
N LEU E 6 -13.13 24.96 -6.80
CA LEU E 6 -14.24 25.45 -5.98
C LEU E 6 -14.46 26.93 -6.33
N LYS E 7 -15.71 27.34 -6.51
CA LYS E 7 -16.05 28.74 -6.84
C LYS E 7 -17.24 29.25 -6.04
N LYS F 2 -20.93 31.96 -4.75
CA LYS F 2 -20.50 32.42 -3.40
C LYS F 2 -20.68 31.36 -2.31
N ILE F 3 -19.68 31.20 -1.46
CA ILE F 3 -19.68 30.22 -0.35
C ILE F 3 -19.82 30.97 0.97
N ILE F 4 -20.72 30.55 1.86
CA ILE F 4 -20.79 31.05 3.24
C ILE F 4 -20.87 29.88 4.23
N ILE F 5 -20.06 29.91 5.27
CA ILE F 5 -20.17 28.98 6.39
C ILE F 5 -20.15 29.78 7.69
N LEU F 6 -21.09 29.47 8.58
CA LEU F 6 -21.28 30.08 9.90
C LEU F 6 -21.41 28.99 10.95
N LYS F 7 -20.91 29.23 12.15
CA LYS F 7 -21.24 28.38 13.32
C LYS F 7 -21.22 29.25 14.59
N LYS G 2 -20.96 16.75 15.00
CA LYS G 2 -20.26 15.61 14.43
C LYS G 2 -19.73 15.86 13.01
N ILE G 3 -20.13 15.04 12.04
CA ILE G 3 -19.48 14.97 10.73
C ILE G 3 -20.28 15.74 9.68
N ILE G 4 -19.65 16.67 8.98
CA ILE G 4 -20.23 17.38 7.83
C ILE G 4 -19.17 17.44 6.72
N ILE G 5 -19.39 16.82 5.57
CA ILE G 5 -18.39 16.76 4.49
C ILE G 5 -19.05 17.15 3.17
N LEU G 6 -18.40 18.02 2.39
CA LEU G 6 -18.91 18.53 1.12
C LEU G 6 -17.83 18.45 0.04
N LYS G 7 -18.19 17.99 -1.15
CA LYS G 7 -17.29 17.92 -2.31
C LYS G 7 -18.07 18.32 -3.58
N LYS H 2 -9.03 12.90 -12.46
CA LYS H 2 -10.19 13.23 -11.57
C LYS H 2 -10.47 14.72 -11.47
N ILE H 3 -11.73 15.06 -11.33
CA ILE H 3 -12.26 16.42 -11.18
C ILE H 3 -13.29 16.43 -10.06
N ILE H 4 -13.22 17.41 -9.16
CA ILE H 4 -14.28 17.71 -8.18
C ILE H 4 -14.59 19.20 -8.26
N ILE H 5 -15.88 19.54 -8.32
CA ILE H 5 -16.37 20.92 -8.44
C ILE H 5 -17.46 21.17 -7.41
N LEU H 6 -17.45 22.34 -6.80
CA LEU H 6 -18.58 22.86 -6.00
C LEU H 6 -18.80 24.34 -6.30
N LYS H 7 -20.06 24.76 -6.45
CA LYS H 7 -20.47 26.15 -6.73
C LYS H 7 -21.33 26.70 -5.57
N LYS I 2 -24.91 29.19 -4.81
CA LYS I 2 -24.61 29.72 -3.43
C LYS I 2 -25.05 28.73 -2.35
N ILE I 3 -24.22 28.55 -1.31
CA ILE I 3 -24.50 27.64 -0.18
C ILE I 3 -24.27 28.31 1.17
N ILE I 4 -25.15 28.03 2.14
CA ILE I 4 -25.04 28.48 3.53
C ILE I 4 -25.00 27.26 4.43
N ILE I 5 -24.00 27.10 5.29
CA ILE I 5 -24.04 26.12 6.37
C ILE I 5 -24.05 26.87 7.70
N LEU I 6 -24.96 26.51 8.59
CA LEU I 6 -25.27 27.31 9.77
C LEU I 6 -25.88 26.44 10.85
N LYS I 7 -25.23 26.36 12.02
CA LYS I 7 -25.89 25.91 13.27
C LYS I 7 -25.12 26.38 14.52
N LYS J 2 -6.73 21.42 -20.16
CA LYS J 2 -6.02 21.53 -18.89
C LYS J 2 -4.99 20.43 -18.67
N ILE J 3 -5.39 19.17 -18.75
CA ILE J 3 -4.47 18.05 -18.68
C ILE J 3 -4.29 17.50 -20.09
N ILE J 4 -3.06 17.45 -20.57
CA ILE J 4 -2.67 16.71 -21.78
C ILE J 4 -1.32 16.06 -21.50
N ILE J 5 -1.27 14.74 -21.39
CA ILE J 5 -0.04 14.01 -21.07
C ILE J 5 0.12 12.79 -21.98
N LEU J 6 1.33 12.63 -22.54
CA LEU J 6 1.70 11.60 -23.51
C LEU J 6 2.92 10.81 -23.01
N LYS J 7 2.92 9.50 -23.20
CA LYS J 7 4.08 8.62 -22.89
C LYS J 7 4.32 7.58 -24.00
N LYS K 2 12.61 -0.61 -17.04
CA LYS K 2 11.88 0.49 -17.72
C LYS K 2 12.20 0.55 -19.21
N ILE K 3 11.21 0.50 -20.08
CA ILE K 3 11.32 0.99 -21.47
C ILE K 3 10.08 1.84 -21.77
N ILE K 4 10.24 3.05 -22.26
CA ILE K 4 9.11 3.87 -22.73
C ILE K 4 9.49 4.50 -24.05
N ILE K 5 8.65 4.38 -25.07
CA ILE K 5 8.96 4.78 -26.45
C ILE K 5 7.79 5.58 -27.03
N LEU K 6 8.11 6.61 -27.78
CA LEU K 6 7.13 7.42 -28.50
C LEU K 6 7.85 7.98 -29.72
N LYS K 7 7.35 7.70 -30.92
CA LYS K 7 7.94 8.27 -32.14
C LYS K 7 6.97 8.38 -33.31
N LYS L 2 4.41 10.22 -36.95
CA LYS L 2 4.70 11.46 -36.09
C LYS L 2 3.46 12.05 -35.42
N ILE L 3 3.68 12.96 -34.46
CA ILE L 3 2.69 13.50 -33.52
C ILE L 3 2.45 14.98 -33.78
N ILE L 4 1.19 15.43 -33.77
CA ILE L 4 0.85 16.86 -33.78
C ILE L 4 -0.22 17.14 -32.71
N ILE L 5 -0.02 18.16 -31.88
CA ILE L 5 -1.05 18.63 -30.95
C ILE L 5 -1.14 20.15 -31.04
N LEU L 6 -2.36 20.68 -31.09
CA LEU L 6 -2.63 22.11 -31.27
C LEU L 6 -3.84 22.54 -30.42
N LYS L 7 -3.86 23.77 -29.96
CA LYS L 7 -5.05 24.35 -29.27
C LYS L 7 -5.08 25.88 -29.52
N LYS M 2 -11.37 19.16 -20.22
CA LYS M 2 -10.57 19.30 -19.02
C LYS M 2 -9.52 18.21 -18.89
N ILE M 3 -9.90 16.94 -19.01
CA ILE M 3 -8.94 15.83 -18.97
C ILE M 3 -8.74 15.28 -20.38
N ILE M 4 -7.49 15.22 -20.84
CA ILE M 4 -7.06 14.41 -21.99
C ILE M 4 -5.78 13.65 -21.61
N ILE M 5 -5.76 12.34 -21.72
CA ILE M 5 -4.57 11.52 -21.40
C ILE M 5 -4.34 10.55 -22.54
N LEU M 6 -3.09 10.39 -22.98
CA LEU M 6 -2.70 9.45 -24.02
C LEU M 6 -1.53 8.58 -23.55
N LYS M 7 -1.58 7.27 -23.76
CA LYS M 7 -0.43 6.37 -23.48
C LYS M 7 -0.24 5.40 -24.67
N LYS N 2 8.38 -3.21 -18.12
CA LYS N 2 7.27 -2.45 -18.78
C LYS N 2 7.71 -1.82 -20.10
N ILE N 3 6.79 -1.80 -21.05
CA ILE N 3 6.92 -1.10 -22.33
C ILE N 3 5.66 -0.27 -22.54
N ILE N 4 5.78 0.96 -23.02
CA ILE N 4 4.64 1.71 -23.56
C ILE N 4 5.09 2.28 -24.89
N ILE N 5 4.24 2.20 -25.90
CA ILE N 5 4.51 2.72 -27.24
C ILE N 5 3.34 3.60 -27.69
N LEU N 6 3.63 4.70 -28.36
CA LEU N 6 2.66 5.50 -29.08
C LEU N 6 3.28 5.89 -30.42
N LYS N 7 2.55 5.73 -31.51
CA LYS N 7 3.07 6.01 -32.87
C LYS N 7 2.10 6.79 -33.76
N LYS O 2 -0.31 8.46 -37.35
CA LYS O 2 -0.34 9.92 -37.05
C LYS O 2 -1.39 10.31 -36.02
N ILE O 3 -1.00 11.12 -35.04
CA ILE O 3 -1.88 11.57 -33.95
C ILE O 3 -2.14 13.06 -34.12
N ILE O 4 -3.40 13.49 -34.14
CA ILE O 4 -3.78 14.91 -34.18
C ILE O 4 -4.80 15.21 -33.08
N ILE O 5 -4.58 16.25 -32.28
CA ILE O 5 -5.60 16.72 -31.32
C ILE O 5 -5.75 18.23 -31.42
N LEU O 6 -7.00 18.68 -31.49
CA LEU O 6 -7.42 20.08 -31.63
C LEU O 6 -8.45 20.44 -30.57
N LYS O 7 -8.47 21.67 -30.10
CA LYS O 7 -9.64 22.21 -29.36
C LYS O 7 -9.75 23.73 -29.60
N LYS P 2 -16.02 16.88 -20.30
CA LYS P 2 -15.14 17.03 -19.15
C LYS P 2 -14.02 16.01 -19.09
N ILE P 3 -14.33 14.72 -19.28
CA ILE P 3 -13.35 13.63 -19.21
C ILE P 3 -13.18 12.98 -20.59
N ILE P 4 -11.95 12.93 -21.09
CA ILE P 4 -11.59 12.13 -22.28
C ILE P 4 -10.27 11.39 -21.97
N ILE P 5 -10.20 10.09 -22.17
CA ILE P 5 -8.97 9.30 -21.90
C ILE P 5 -8.75 8.31 -23.04
N LEU P 6 -7.51 8.17 -23.50
CA LEU P 6 -7.13 7.22 -24.54
C LEU P 6 -5.89 6.42 -24.13
N LYS P 7 -5.89 5.12 -24.39
CA LYS P 7 -4.73 4.24 -24.17
C LYS P 7 -4.59 3.28 -25.34
N LYS Q 2 3.99 -5.48 -18.90
CA LYS Q 2 2.87 -4.73 -19.56
C LYS Q 2 3.29 -4.02 -20.84
N ILE Q 3 2.36 -3.98 -21.78
CA ILE Q 3 2.45 -3.23 -23.04
C ILE Q 3 1.13 -2.50 -23.28
N ILE Q 4 1.18 -1.24 -23.67
CA ILE Q 4 0.03 -0.49 -24.18
C ILE Q 4 0.47 0.23 -25.45
N ILE Q 5 -0.39 0.21 -26.47
CA ILE Q 5 -0.12 0.79 -27.80
C ILE Q 5 -1.31 1.64 -28.23
N LEU Q 6 -1.05 2.81 -28.79
CA LEU Q 6 -2.01 3.59 -29.56
C LEU Q 6 -1.33 4.03 -30.86
N LYS Q 7 -2.05 3.96 -31.96
CA LYS Q 7 -1.41 4.08 -33.28
C LYS Q 7 -2.36 4.76 -34.29
N LYS R 2 -4.80 6.58 -37.80
CA LYS R 2 -4.85 8.06 -37.57
C LYS R 2 -5.94 8.42 -36.55
N ILE R 3 -5.58 9.21 -35.55
CA ILE R 3 -6.48 9.68 -34.48
C ILE R 3 -6.73 11.17 -34.64
N ILE R 4 -7.97 11.63 -34.67
CA ILE R 4 -8.30 13.07 -34.65
C ILE R 4 -9.38 13.35 -33.61
N ILE R 5 -9.18 14.33 -32.75
CA ILE R 5 -10.17 14.72 -31.72
C ILE R 5 -10.36 16.23 -31.74
N LEU R 6 -11.62 16.68 -31.70
CA LEU R 6 -11.98 18.11 -31.70
C LEU R 6 -13.10 18.38 -30.71
N LYS R 7 -13.13 19.58 -30.14
CA LYS R 7 -14.31 20.13 -29.44
C LYS R 7 -14.32 21.67 -29.58
N LYS S 2 12.95 -7.40 -26.23
CA LYS S 2 13.02 -6.16 -25.46
C LYS S 2 13.23 -6.40 -23.97
N ILE S 3 12.28 -7.03 -23.30
CA ILE S 3 12.45 -7.42 -21.90
C ILE S 3 12.97 -8.85 -21.89
N ILE S 4 14.20 -9.07 -21.44
CA ILE S 4 14.64 -10.39 -20.94
C ILE S 4 15.05 -10.18 -19.47
N ILE S 5 14.43 -10.88 -18.52
CA ILE S 5 14.86 -10.83 -17.11
C ILE S 5 15.04 -12.25 -16.60
N LEU S 6 16.17 -12.52 -15.94
CA LEU S 6 16.48 -13.78 -15.26
C LEU S 6 16.86 -13.50 -13.80
N LYS S 7 16.31 -14.25 -12.86
CA LYS S 7 16.68 -14.20 -11.42
C LYS S 7 16.85 -15.63 -10.88
N LYS T 2 16.87 -12.48 2.41
CA LYS T 2 16.96 -12.77 0.96
C LYS T 2 17.91 -13.93 0.66
N ILE T 3 17.53 -14.85 -0.21
CA ILE T 3 18.47 -15.74 -0.90
C ILE T 3 18.05 -15.80 -2.38
N ILE T 4 18.98 -15.60 -3.30
CA ILE T 4 18.72 -15.76 -4.73
C ILE T 4 19.84 -16.59 -5.34
N ILE T 5 19.48 -17.62 -6.09
CA ILE T 5 20.43 -18.54 -6.72
C ILE T 5 20.08 -18.73 -8.19
N LEU T 6 21.10 -18.85 -9.00
CA LEU T 6 21.03 -19.19 -10.42
C LEU T 6 22.32 -19.95 -10.72
N LYS T 7 22.26 -21.14 -11.31
CA LYS T 7 23.49 -21.79 -11.80
C LYS T 7 23.27 -22.86 -12.87
N LYS U 2 23.58 -25.45 -16.97
CA LYS U 2 24.01 -24.02 -17.32
C LYS U 2 23.07 -23.32 -18.31
N ILE U 3 23.19 -22.01 -18.40
CA ILE U 3 22.29 -21.11 -19.13
C ILE U 3 22.97 -20.60 -20.39
N ILE U 4 22.32 -20.66 -21.55
CA ILE U 4 22.83 -20.05 -22.79
C ILE U 4 21.72 -19.25 -23.47
N ILE U 5 21.93 -17.98 -23.81
CA ILE U 5 20.87 -17.11 -24.37
C ILE U 5 21.37 -16.36 -25.60
N LEU U 6 20.55 -16.35 -26.66
CA LEU U 6 20.93 -15.88 -27.99
C LEU U 6 19.85 -14.96 -28.57
N LYS U 7 20.21 -14.01 -29.41
CA LYS U 7 19.25 -13.31 -30.30
C LYS U 7 19.98 -12.83 -31.57
N LYS V 2 8.31 -9.37 -27.48
CA LYS V 2 8.47 -8.17 -26.65
C LYS V 2 8.76 -8.47 -25.18
N ILE V 3 7.96 -9.30 -24.53
CA ILE V 3 8.16 -9.66 -23.13
C ILE V 3 8.71 -11.08 -23.02
N ILE V 4 9.80 -11.27 -22.28
CA ILE V 4 10.32 -12.58 -21.84
C ILE V 4 10.81 -12.45 -20.39
N ILE V 5 10.14 -13.09 -19.45
CA ILE V 5 10.58 -13.06 -18.04
C ILE V 5 10.75 -14.50 -17.58
N LEU V 6 11.90 -14.81 -17.00
CA LEU V 6 12.22 -16.11 -16.40
C LEU V 6 12.56 -15.91 -14.92
N LYS V 7 12.01 -16.73 -14.04
CA LYS V 7 12.41 -16.74 -12.61
C LYS V 7 12.64 -18.18 -12.13
N LYS W 2 12.65 -15.69 1.37
CA LYS W 2 12.40 -16.06 -0.03
C LYS W 2 13.63 -16.70 -0.68
N ILE W 3 13.38 -17.65 -1.57
CA ILE W 3 14.38 -18.31 -2.41
C ILE W 3 13.89 -18.26 -3.85
N ILE W 4 14.74 -17.95 -4.81
CA ILE W 4 14.45 -18.16 -6.22
C ILE W 4 15.62 -18.95 -6.80
N ILE W 5 15.31 -19.96 -7.59
CA ILE W 5 16.30 -20.85 -8.22
C ILE W 5 15.96 -21.01 -9.69
N LEU W 6 16.98 -21.03 -10.54
CA LEU W 6 16.85 -21.43 -11.94
C LEU W 6 18.08 -22.28 -12.28
N LYS W 7 17.89 -23.42 -12.95
CA LYS W 7 19.00 -24.33 -13.29
C LYS W 7 18.97 -24.87 -14.72
N LYS X 2 19.37 -27.41 -18.81
CA LYS X 2 19.71 -26.26 -19.70
C LYS X 2 18.52 -25.40 -20.08
N ILE X 3 18.76 -24.11 -20.16
CA ILE X 3 17.83 -23.15 -20.76
C ILE X 3 18.47 -22.64 -22.03
N ILE X 4 17.76 -22.67 -23.15
CA ILE X 4 18.10 -21.82 -24.31
C ILE X 4 16.89 -21.06 -24.82
N ILE X 5 17.08 -19.79 -25.12
CA ILE X 5 16.08 -19.00 -25.85
C ILE X 5 16.75 -18.28 -27.01
N LEU X 6 16.01 -18.17 -28.11
CA LEU X 6 16.44 -17.61 -29.39
C LEU X 6 15.34 -16.70 -29.94
N LYS X 7 15.69 -15.77 -30.82
CA LYS X 7 14.69 -15.09 -31.68
C LYS X 7 15.38 -14.61 -32.98
N LYS Y 2 3.60 -11.36 -28.56
CA LYS Y 2 3.91 -10.18 -27.75
C LYS Y 2 4.29 -10.52 -26.32
N ILE Y 3 3.47 -11.30 -25.63
CA ILE Y 3 3.63 -11.58 -24.20
C ILE Y 3 4.01 -13.05 -24.00
N ILE Y 4 5.18 -13.32 -23.41
CA ILE Y 4 5.63 -14.67 -23.04
C ILE Y 4 6.30 -14.62 -21.66
N ILE Y 5 5.82 -15.37 -20.68
CA ILE Y 5 6.34 -15.33 -19.30
C ILE Y 5 6.49 -16.75 -18.77
N LEU Y 6 7.59 -17.01 -18.07
CA LEU Y 6 7.91 -18.33 -17.51
C LEU Y 6 8.38 -18.20 -16.06
N LYS Y 7 7.89 -19.06 -15.18
CA LYS Y 7 8.33 -19.11 -13.78
C LYS Y 7 8.48 -20.58 -13.35
N LYS Z 2 8.45 -18.30 0.20
CA LYS Z 2 8.23 -18.62 -1.22
C LYS Z 2 9.47 -19.18 -1.90
N ILE Z 3 9.24 -20.13 -2.79
CA ILE Z 3 10.25 -20.74 -3.67
C ILE Z 3 9.66 -20.80 -5.07
N ILE Z 4 10.43 -20.39 -6.09
CA ILE Z 4 10.08 -20.61 -7.50
C ILE Z 4 11.30 -21.21 -8.20
N ILE Z 5 11.07 -22.29 -8.96
CA ILE Z 5 12.09 -23.12 -9.61
C ILE Z 5 11.72 -23.32 -11.07
N LEU Z 6 12.71 -23.32 -11.95
CA LEU Z 6 12.57 -23.72 -13.35
C LEU Z 6 13.80 -24.53 -13.79
N LYS Z 7 13.58 -25.60 -14.55
CA LYS Z 7 14.61 -26.60 -14.89
C LYS Z 7 14.76 -26.78 -16.43
N LYS AA 2 15.16 -29.60 -20.16
CA LYS AA 2 15.67 -28.55 -21.11
C LYS AA 2 14.53 -27.72 -21.70
N ILE AA 3 14.71 -26.40 -21.74
CA ILE AA 3 13.75 -25.43 -22.27
C ILE AA 3 14.27 -24.84 -23.57
N ILE AA 4 13.45 -24.78 -24.61
CA ILE AA 4 13.74 -24.07 -25.86
C ILE AA 4 12.59 -23.12 -26.19
N ILE AA 5 12.89 -21.85 -26.48
CA ILE AA 5 11.90 -20.92 -27.04
C ILE AA 5 12.50 -20.25 -28.27
N LEU AA 6 11.75 -20.19 -29.35
CA LEU AA 6 12.16 -19.48 -30.57
C LEU AA 6 10.94 -18.92 -31.29
N LYS AA 7 11.13 -17.80 -32.00
CA LYS AA 7 10.10 -17.17 -32.84
C LYS AA 7 10.81 -16.44 -34.00
N LYS BA 2 17.97 -23.80 4.66
CA LYS BA 2 18.23 -22.49 4.03
C LYS BA 2 17.67 -21.32 4.83
N ILE BA 3 16.35 -21.20 4.93
CA ILE BA 3 15.73 -20.14 5.72
C ILE BA 3 15.40 -20.70 7.11
N ILE BA 4 16.15 -20.33 8.13
CA ILE BA 4 15.76 -20.52 9.54
C ILE BA 4 15.60 -19.13 10.17
N ILE BA 5 14.42 -18.78 10.67
CA ILE BA 5 14.16 -17.48 11.31
C ILE BA 5 13.42 -17.71 12.60
N LEU BA 6 13.87 -17.09 13.69
CA LEU BA 6 13.25 -17.15 15.02
C LEU BA 6 13.04 -15.74 15.55
N LYS BA 7 11.88 -15.46 16.14
CA LYS BA 7 11.58 -14.17 16.83
C LYS BA 7 10.83 -14.44 18.14
N LYS CA 2 6.46 -1.77 20.46
CA LYS CA 2 7.05 -3.06 20.01
C LYS CA 2 7.69 -3.79 21.18
N ILE CA 3 7.31 -5.04 21.42
CA ILE CA 3 8.02 -5.93 22.33
C ILE CA 3 8.26 -7.24 21.59
N ILE CA 4 9.49 -7.71 21.52
CA ILE CA 4 9.80 -9.03 20.98
C ILE CA 4 10.60 -9.77 22.05
N ILE CA 5 10.12 -10.93 22.46
CA ILE CA 5 10.70 -11.71 23.56
C ILE CA 5 10.96 -13.13 23.08
N LEU CA 6 12.07 -13.69 23.51
CA LEU CA 6 12.45 -15.07 23.26
C LEU CA 6 13.32 -15.46 24.44
N LYS CA 7 12.94 -16.50 25.18
CA LYS CA 7 13.81 -17.01 26.27
C LYS CA 7 13.58 -18.49 26.58
N LYS DA 2 14.46 -23.32 27.13
CA LYS DA 2 15.60 -22.89 26.18
C LYS DA 2 15.52 -23.54 24.78
N ILE DA 3 16.33 -23.03 23.86
CA ILE DA 3 16.28 -23.35 22.42
C ILE DA 3 17.51 -24.15 22.01
N ILE DA 4 17.35 -25.20 21.21
CA ILE DA 4 18.47 -25.89 20.53
C ILE DA 4 18.18 -26.01 19.03
N ILE DA 5 19.13 -25.65 18.17
CA ILE DA 5 19.03 -25.87 16.73
C ILE DA 5 20.34 -26.47 16.22
N LEU DA 6 20.25 -27.54 15.43
CA LEU DA 6 21.39 -28.32 14.96
C LEU DA 6 21.19 -28.70 13.49
N LYS DA 7 22.25 -28.76 12.70
CA LYS DA 7 22.18 -29.30 11.33
C LYS DA 7 23.51 -29.97 10.95
N LYS EA 2 13.85 -26.46 2.96
CA LYS EA 2 14.22 -25.15 2.44
C LYS EA 2 13.73 -24.01 3.33
N ILE EA 3 12.45 -23.97 3.64
CA ILE EA 3 11.88 -22.97 4.55
C ILE EA 3 11.57 -23.63 5.89
N ILE EA 4 12.07 -23.07 6.99
CA ILE EA 4 11.62 -23.36 8.36
C ILE EA 4 11.57 -22.03 9.15
N ILE EA 5 10.41 -21.39 9.21
CA ILE EA 5 10.23 -20.13 9.96
C ILE EA 5 9.49 -20.40 11.25
N LEU EA 6 10.03 -19.94 12.38
CA LEU EA 6 9.42 -20.04 13.72
C LEU EA 6 9.13 -18.65 14.28
N LYS EA 7 7.96 -18.43 14.87
CA LYS EA 7 7.64 -17.18 15.59
C LYS EA 7 6.96 -17.48 16.94
N LYS FA 2 2.64 -4.54 19.38
CA LYS FA 2 2.85 -5.99 19.07
C LYS FA 2 3.75 -6.69 20.08
N ILE FA 3 3.43 -7.95 20.36
CA ILE FA 3 4.21 -8.87 21.17
C ILE FA 3 4.45 -10.14 20.36
N ILE FA 4 5.65 -10.69 20.38
CA ILE FA 4 5.90 -12.06 19.93
C ILE FA 4 6.72 -12.75 21.00
N ILE FA 5 6.35 -13.98 21.35
CA ILE FA 5 6.97 -14.78 22.40
C ILE FA 5 7.25 -16.18 21.87
N LEU FA 6 8.42 -16.71 22.15
CA LEU FA 6 8.75 -18.11 21.93
C LEU FA 6 9.49 -18.60 23.16
N LYS FA 7 9.11 -19.77 23.69
CA LYS FA 7 9.71 -20.31 24.92
C LYS FA 7 10.08 -21.79 24.82
N LYS GA 2 10.74 -26.29 25.47
CA LYS GA 2 12.02 -26.56 24.75
C LYS GA 2 11.80 -26.80 23.26
N ILE GA 3 12.71 -26.31 22.41
CA ILE GA 3 12.66 -26.49 20.95
C ILE GA 3 13.90 -27.25 20.51
N ILE GA 4 13.75 -28.27 19.68
CA ILE GA 4 14.87 -28.95 19.02
C ILE GA 4 14.57 -29.03 17.53
N ILE GA 5 15.43 -28.47 16.70
CA ILE GA 5 15.37 -28.68 15.25
C ILE GA 5 16.62 -29.36 14.77
N LEU GA 6 16.45 -30.43 14.00
CA LEU GA 6 17.50 -31.23 13.36
C LEU GA 6 17.28 -31.23 11.85
N LYS GA 7 18.34 -31.34 11.07
CA LYS GA 7 18.22 -31.89 9.69
C LYS GA 7 19.54 -32.59 9.30
N LYS HA 2 9.80 -29.18 1.16
CA LYS HA 2 10.22 -27.87 0.73
C LYS HA 2 9.76 -26.75 1.66
N ILE HA 3 8.47 -26.72 2.00
CA ILE HA 3 7.87 -25.62 2.78
C ILE HA 3 7.47 -26.13 4.17
N ILE HA 4 8.04 -25.57 5.24
CA ILE HA 4 7.59 -25.81 6.62
C ILE HA 4 7.53 -24.48 7.37
N ILE HA 5 6.40 -24.15 8.00
CA ILE HA 5 6.27 -22.90 8.77
C ILE HA 5 5.56 -23.18 10.09
N LEU HA 6 6.03 -22.60 11.19
CA LEU HA 6 5.45 -22.77 12.51
C LEU HA 6 5.29 -21.42 13.21
N LYS HA 7 4.17 -21.23 13.90
CA LYS HA 7 3.92 -19.99 14.69
C LYS HA 7 3.20 -20.38 15.99
N LYS IA 2 -1.36 -7.47 18.56
CA LYS IA 2 -1.16 -8.91 18.21
C LYS IA 2 -0.16 -9.61 19.11
N ILE IA 3 -0.39 -10.91 19.32
CA ILE IA 3 0.44 -11.83 20.11
C ILE IA 3 0.62 -13.11 19.32
N ILE IA 4 1.83 -13.65 19.29
CA ILE IA 4 2.08 -15.04 18.85
C ILE IA 4 2.94 -15.71 19.90
N ILE IA 5 2.54 -16.92 20.29
CA ILE IA 5 3.21 -17.73 21.31
C ILE IA 5 3.48 -19.12 20.76
N LEU IA 6 4.65 -19.68 21.03
CA LEU IA 6 4.95 -21.10 20.81
C LEU IA 6 5.75 -21.65 22.00
N LYS IA 7 5.35 -22.81 22.51
CA LYS IA 7 6.07 -23.52 23.59
C LYS IA 7 6.70 -24.81 23.05
N LYS JA 2 7.21 -29.33 24.13
CA LYS JA 2 8.52 -29.70 23.46
C LYS JA 2 8.31 -30.01 21.98
N ILE JA 3 9.09 -29.35 21.13
CA ILE JA 3 8.95 -29.41 19.65
C ILE JA 3 10.17 -30.10 19.06
N ILE JA 4 9.96 -31.16 18.28
CA ILE JA 4 11.04 -31.81 17.53
C ILE JA 4 10.69 -31.84 16.05
N ILE JA 5 11.55 -31.30 15.20
CA ILE JA 5 11.44 -31.46 13.74
C ILE JA 5 12.73 -32.05 13.21
N LEU JA 6 12.61 -33.09 12.39
CA LEU JA 6 13.76 -33.72 11.73
C LEU JA 6 13.35 -34.21 10.34
N LYS JA 7 14.29 -34.19 9.41
CA LYS JA 7 14.14 -34.76 8.05
C LYS JA 7 15.52 -35.27 7.58
N LYS KA 2 1.37 -5.07 30.17
CA LYS KA 2 2.48 -5.19 29.21
C LYS KA 2 2.43 -4.16 28.08
N ILE KA 3 1.34 -4.07 27.33
CA ILE KA 3 1.06 -2.93 26.44
C ILE KA 3 -0.05 -2.11 27.09
N ILE KA 4 0.16 -0.80 27.26
CA ILE KA 4 -0.85 0.16 27.67
C ILE KA 4 -0.57 1.46 26.92
N ILE KA 5 -1.43 1.85 26.00
CA ILE KA 5 -1.24 3.04 25.15
C ILE KA 5 -2.51 3.86 25.08
N LEU KA 6 -2.37 5.18 25.27
CA LEU KA 6 -3.47 6.16 25.32
C LEU KA 6 -3.24 7.26 24.29
N LYS KA 7 -4.31 7.75 23.67
CA LYS KA 7 -4.29 8.96 22.79
C LYS KA 7 -5.58 9.79 23.02
N LYS LA 2 -4.36 17.60 11.52
CA LYS LA 2 -4.29 16.60 12.63
C LYS LA 2 -4.46 17.30 13.97
N ILE LA 3 -5.39 16.86 14.80
CA ILE LA 3 -5.43 17.23 16.21
C ILE LA 3 -5.72 16.01 17.08
N ILE LA 4 -5.08 15.91 18.23
CA ILE LA 4 -5.35 14.86 19.22
C ILE LA 4 -5.48 15.54 20.57
N ILE LA 5 -6.49 15.16 21.35
CA ILE LA 5 -6.80 15.78 22.64
C ILE LA 5 -6.97 14.69 23.70
N LEU LA 6 -6.54 14.97 24.91
CA LEU LA 6 -6.68 14.08 26.05
C LEU LA 6 -6.68 14.97 27.28
N LYS LA 7 -7.76 14.97 28.07
CA LYS LA 7 -7.77 15.77 29.32
C LYS LA 7 -8.74 15.25 30.38
N LYS MA 2 -10.41 13.68 34.53
CA LYS MA 2 -8.93 13.28 34.53
C LYS MA 2 -8.71 11.76 34.41
N ILE MA 3 -7.46 11.37 34.19
CA ILE MA 3 -7.04 9.98 33.92
C ILE MA 3 -6.18 9.48 35.08
N ILE MA 4 -6.44 8.30 35.62
CA ILE MA 4 -5.55 7.65 36.59
C ILE MA 4 -5.31 6.19 36.21
N ILE MA 5 -4.06 5.80 36.06
CA ILE MA 5 -3.68 4.42 35.71
C ILE MA 5 -2.69 3.90 36.72
N LEU MA 6 -2.93 2.69 37.22
CA LEU MA 6 -2.21 2.14 38.36
C LEU MA 6 -1.97 0.64 38.16
N LYS MA 7 -0.84 0.12 38.62
CA LYS MA 7 -0.55 -1.33 38.59
C LYS MA 7 0.35 -1.72 39.78
N LYS NA 2 -2.15 -8.83 28.66
CA LYS NA 2 -1.09 -8.61 27.67
C LYS NA 2 -1.30 -7.32 26.90
N ILE NA 3 -2.43 -7.17 26.24
CA ILE NA 3 -2.75 -5.98 25.45
C ILE NA 3 -3.81 -5.17 26.18
N ILE NA 4 -3.53 -3.92 26.50
CA ILE NA 4 -4.53 -2.88 26.78
C ILE NA 4 -4.32 -1.72 25.79
N ILE NA 5 -5.34 -1.30 25.06
CA ILE NA 5 -5.24 -0.11 24.20
C ILE NA 5 -6.45 0.77 24.46
N LEU NA 6 -6.24 2.07 24.66
CA LEU NA 6 -7.30 3.07 24.79
C LEU NA 6 -7.11 4.17 23.75
N LYS NA 7 -8.15 4.54 23.02
CA LYS NA 7 -8.14 5.75 22.15
C LYS NA 7 -9.38 6.62 22.44
N LYS OA 2 -8.14 14.55 11.09
CA LYS OA 2 -8.47 13.61 12.21
C LYS OA 2 -8.55 14.29 13.58
N ILE OA 3 -9.45 13.78 14.40
CA ILE OA 3 -9.62 14.18 15.81
C ILE OA 3 -9.71 12.91 16.63
N ILE OA 4 -9.02 12.80 17.76
CA ILE OA 4 -9.34 11.78 18.78
C ILE OA 4 -9.34 12.45 20.13
N ILE OA 5 -10.32 12.13 20.97
CA ILE OA 5 -10.52 12.75 22.28
C ILE OA 5 -10.74 11.67 23.33
N LEU OA 6 -10.12 11.77 24.49
CA LEU OA 6 -10.38 10.89 25.63
C LEU OA 6 -10.55 11.77 26.87
N LYS OA 7 -11.59 11.52 27.66
CA LYS OA 7 -11.94 12.37 28.81
C LYS OA 7 -12.27 11.59 30.09
N LYS PA 2 -13.98 10.17 34.06
CA LYS PA 2 -12.78 9.62 34.76
C LYS PA 2 -12.46 8.18 34.36
N ILE PA 3 -11.20 7.93 34.04
CA ILE PA 3 -10.71 6.59 33.66
C ILE PA 3 -9.88 6.02 34.79
N ILE PA 4 -10.21 4.82 35.25
CA ILE PA 4 -9.38 4.03 36.19
C ILE PA 4 -8.98 2.71 35.55
N ILE PA 5 -7.70 2.38 35.53
CA ILE PA 5 -7.25 1.03 35.18
C ILE PA 5 -6.32 0.50 36.25
N LEU PA 6 -6.55 -0.75 36.67
CA LEU PA 6 -5.83 -1.47 37.71
C LEU PA 6 -5.36 -2.82 37.15
N LYS PA 7 -4.26 -3.36 37.63
CA LYS PA 7 -4.01 -4.83 37.54
C LYS PA 7 -3.13 -5.28 38.72
N LYS QA 2 -6.04 -12.13 27.94
CA LYS QA 2 -4.96 -11.75 27.02
C LYS QA 2 -5.19 -10.43 26.29
N ILE QA 3 -6.30 -10.29 25.57
CA ILE QA 3 -6.53 -9.15 24.68
C ILE QA 3 -7.67 -8.26 25.22
N ILE QA 4 -7.36 -7.01 25.54
CA ILE QA 4 -8.35 -6.01 25.98
C ILE QA 4 -8.18 -4.75 25.12
N ILE QA 5 -9.18 -4.33 24.37
CA ILE QA 5 -9.07 -3.13 23.51
C ILE QA 5 -10.29 -2.25 23.69
N LEU QA 6 -10.06 -0.94 23.84
CA LEU QA 6 -11.11 0.06 24.03
C LEU QA 6 -10.90 1.26 23.11
N LYS QA 7 -11.97 1.74 22.50
CA LYS QA 7 -11.96 2.95 21.67
C LYS QA 7 -13.23 3.76 21.96
N LYS RA 2 -12.32 11.77 10.69
CA LYS RA 2 -12.64 10.75 11.74
C LYS RA 2 -12.56 11.30 13.15
N ILE RA 3 -13.42 10.79 14.02
CA ILE RA 3 -13.51 11.11 15.45
C ILE RA 3 -13.61 9.80 16.23
N ILE RA 4 -12.85 9.67 17.30
CA ILE RA 4 -13.03 8.59 18.29
C ILE RA 4 -13.09 9.23 19.67
N ILE RA 5 -14.07 8.82 20.47
CA ILE RA 5 -14.30 9.34 21.82
C ILE RA 5 -14.50 8.18 22.78
N LEU RA 6 -13.89 8.27 23.96
CA LEU RA 6 -14.19 7.43 25.12
C LEU RA 6 -14.24 8.36 26.32
N LYS RA 7 -15.22 8.18 27.19
CA LYS RA 7 -15.51 9.15 28.26
C LYS RA 7 -16.00 8.46 29.55
N LYS SA 2 -17.68 6.99 33.98
CA LYS SA 2 -16.48 6.41 34.72
C LYS SA 2 -16.20 4.97 34.27
N ILE SA 3 -14.95 4.69 33.94
CA ILE SA 3 -14.50 3.41 33.39
C ILE SA 3 -13.59 2.72 34.40
N ILE SA 4 -13.87 1.48 34.77
CA ILE SA 4 -13.01 0.68 35.67
C ILE SA 4 -12.60 -0.61 34.96
N ILE SA 5 -11.31 -0.91 34.88
CA ILE SA 5 -10.85 -2.25 34.46
C ILE SA 5 -9.89 -2.78 35.52
N LEU SA 6 -10.12 -4.01 35.94
CA LEU SA 6 -9.23 -4.72 36.88
C LEU SA 6 -9.24 -6.21 36.54
N LYS SA 7 -8.13 -6.90 36.77
CA LYS SA 7 -8.03 -8.35 36.56
C LYS SA 7 -6.85 -8.94 37.39
#